data_2OP4
#
_entry.id   2OP4
#
_cell.length_a   56.925
_cell.length_b   72.041
_cell.length_c   116.143
_cell.angle_alpha   90.00
_cell.angle_beta   90.00
_cell.angle_gamma   90.00
#
_symmetry.space_group_name_H-M   'P 21 21 21'
#
loop_
_entity.id
_entity.type
_entity.pdbx_description
1 polymer 'Murine Antibody Fab RS2-1G9 Lambda Light Chain'
2 polymer 'Murine Antibody Fab RS2-1G9 IGG1 Heavy Chain'
3 non-polymer 1,2-ETHANEDIOL
#
loop_
_entity_poly.entity_id
_entity_poly.type
_entity_poly.pdbx_seq_one_letter_code
_entity_poly.pdbx_strand_id
1 'polypeptide(L)'
;QAVVTQESALTTSPGETVTLTCRSSTGAVTTRNYANWVQEKPDHFFTGLIGDTNNRAPGVPARFSGSLIGHKAALTITGA
QTEDESVYFCALWYSNHWVFGGGTKLTVLGQPKSSPSVTLFPPSSEELETNKATLVCTITDFYPGVVTVDWKVDGTPVTQ
GMETTQPSKQSNNKYMASSYLTLTAGAWERHSSYSCQVTHEGHTVEKSLSRA
;
L
2 'polypeptide(L)'
;QVQLQQSGSELVRPGASVKLSCKASGYTFTTYWIHWVKQRPGQGLEWIGTIYPGSDNTYYDEKFKNKATLTVDTSSSTAF
MQLSSLTSEDSAVYFCTRGSLYYNNYGWFGYWGQGTLVTVSAAKTTPPSVYPLAPGSNAASQSMVTLGCLVKGYFPEPVT
VTWNSGSLSSGVHTFPAVLQSDLYTLTSSVTVPSSTWPSQTVTCNVAHPASSTKVDKKIVPR
;
H
#
# COMPACT_ATOMS: atom_id res chain seq x y z
N GLN A 1 -23.53 -3.04 -8.33
CA GLN A 1 -23.28 -1.69 -7.73
C GLN A 1 -23.40 -1.78 -6.20
N ALA A 2 -23.03 -2.94 -5.63
CA ALA A 2 -23.15 -3.18 -4.20
C ALA A 2 -21.84 -2.83 -3.47
N VAL A 3 -21.93 -1.91 -2.50
CA VAL A 3 -20.76 -1.48 -1.71
C VAL A 3 -20.69 -2.26 -0.39
N VAL A 4 -19.60 -2.99 -0.19
CA VAL A 4 -19.35 -3.63 1.09
C VAL A 4 -18.34 -2.77 1.87
N THR A 5 -18.70 -2.46 3.12
CA THR A 5 -17.88 -1.59 3.97
C THR A 5 -17.56 -2.34 5.26
N GLN A 6 -16.31 -2.22 5.69
CA GLN A 6 -15.88 -2.79 6.94
C GLN A 6 -15.45 -1.61 7.77
N GLU A 7 -15.35 -1.83 9.07
CA GLU A 7 -14.69 -0.88 9.96
C GLU A 7 -13.30 -0.53 9.42
N SER A 8 -13.00 0.75 9.33
CA SER A 8 -11.73 1.24 8.80
C SER A 8 -10.49 0.55 9.45
N ALA A 9 -10.48 0.55 10.77
CA ALA A 9 -9.37 0.08 11.59
C ALA A 9 -9.86 -0.18 13.02
N LEU A 10 -9.40 -1.25 13.65
CA LEU A 10 -9.77 -1.57 15.04
C LEU A 10 -8.54 -1.94 15.86
N THR A 11 -8.61 -1.64 17.16
CA THR A 11 -7.50 -1.89 18.07
C THR A 11 -7.90 -2.81 19.22
N THR A 12 -6.95 -3.58 19.71
CA THR A 12 -7.24 -4.61 20.73
C THR A 12 -5.96 -5.13 21.34
N SER A 13 -5.99 -5.46 22.62
CA SER A 13 -4.84 -6.07 23.26
C SER A 13 -4.87 -7.59 23.07
N PRO A 14 -3.70 -8.24 23.17
CA PRO A 14 -3.58 -9.68 23.25
C PRO A 14 -4.45 -10.28 24.33
N GLY A 15 -5.17 -11.34 23.98
CA GLY A 15 -6.09 -12.00 24.90
C GLY A 15 -7.54 -11.53 24.74
N GLU A 16 -7.73 -10.33 24.19
CA GLU A 16 -9.08 -9.80 24.06
C GLU A 16 -9.80 -10.45 22.91
N THR A 17 -11.11 -10.25 22.91
CA THR A 17 -11.94 -10.66 21.80
C THR A 17 -12.37 -9.45 20.99
N VAL A 18 -12.35 -9.57 19.68
CA VAL A 18 -12.73 -8.46 18.82
C VAL A 18 -13.54 -8.99 17.68
N THR A 19 -14.45 -8.16 17.19
CA THR A 19 -15.32 -8.54 16.10
C THR A 19 -15.18 -7.54 14.99
N LEU A 20 -14.73 -8.03 13.84
CA LEU A 20 -14.78 -7.28 12.60
C LEU A 20 -16.13 -7.56 11.94
N THR A 21 -16.77 -6.49 11.43
CA THR A 21 -18.06 -6.61 10.73
C THR A 21 -17.93 -6.20 9.28
N CYS A 22 -18.90 -6.64 8.49
CA CYS A 22 -18.88 -6.53 7.04
C CYS A 22 -20.30 -6.23 6.58
N ARG A 23 -20.54 -4.97 6.23
CA ARG A 23 -21.89 -4.46 5.98
C ARG A 23 -22.19 -4.50 4.49
N SER A 24 -23.39 -4.92 4.13
CA SER A 24 -23.83 -4.85 2.76
C SER A 24 -24.80 -3.69 2.59
N SER A 25 -24.59 -2.94 1.51
CA SER A 25 -25.50 -1.88 1.08
C SER A 25 -26.53 -2.38 0.07
N THR A 26 -26.65 -3.68 -0.13
CA THR A 26 -27.78 -4.26 -0.84
C THR A 26 -28.88 -4.52 0.17
N GLY A 27 -28.49 -4.76 1.41
CA GLY A 27 -29.41 -5.17 2.46
C GLY A 27 -28.70 -6.11 3.42
N ALA A 28 -29.47 -6.91 4.14
CA ALA A 28 -28.92 -7.82 5.13
C ALA A 28 -28.04 -8.88 4.45
N VAL A 29 -27.00 -9.31 5.16
CA VAL A 29 -26.09 -10.34 4.68
C VAL A 29 -26.57 -11.69 5.20
N THR A 30 -26.89 -12.62 4.29
CA THR A 30 -27.38 -13.95 4.67
C THR A 30 -26.33 -14.98 4.29
N THR A 31 -26.58 -16.25 4.62
CA THR A 31 -25.65 -17.29 4.24
C THR A 31 -25.58 -17.33 2.73
N ARG A 32 -26.65 -16.95 2.06
CA ARG A 32 -26.64 -16.89 0.61
C ARG A 32 -25.59 -15.91 0.05
N ASN A 33 -24.84 -15.26 0.93
CA ASN A 33 -23.69 -14.45 0.52
C ASN A 33 -22.33 -15.15 0.66
N TYR A 34 -22.32 -16.28 1.36
CA TYR A 34 -21.12 -17.10 1.52
C TYR A 34 -19.94 -16.23 1.85
N ALA A 35 -20.14 -15.44 2.90
CA ALA A 35 -19.17 -14.44 3.32
C ALA A 35 -17.88 -15.19 3.54
N ASN A 36 -16.86 -14.79 2.77
CA ASN A 36 -15.49 -15.22 2.98
C ASN A 36 -14.73 -14.15 3.72
N TRP A 37 -13.78 -14.59 4.55
CA TRP A 37 -12.80 -13.68 5.14
C TRP A 37 -11.38 -14.10 4.73
N VAL A 38 -10.62 -13.11 4.32
CA VAL A 38 -9.29 -13.27 3.84
C VAL A 38 -8.48 -12.25 4.59
N GLN A 39 -7.24 -12.60 4.91
CA GLN A 39 -6.37 -11.75 5.68
C GLN A 39 -5.15 -11.39 4.84
N GLU A 40 -4.75 -10.12 4.89
CA GLU A 40 -3.56 -9.68 4.19
C GLU A 40 -2.51 -9.25 5.15
N LYS A 41 -1.27 -9.65 4.87
CA LYS A 41 -0.14 -9.35 5.71
C LYS A 41 0.95 -8.71 4.90
N PRO A 42 1.79 -7.93 5.55
CA PRO A 42 2.92 -7.35 4.90
C PRO A 42 3.55 -8.31 3.95
N ASP A 43 4.04 -7.72 2.86
CA ASP A 43 4.48 -8.44 1.71
C ASP A 43 3.31 -9.20 1.15
N HIS A 44 2.17 -8.52 1.04
CA HIS A 44 1.02 -9.01 0.30
C HIS A 44 0.77 -10.49 0.50
N PHE A 45 0.87 -10.99 1.72
CA PHE A 45 0.60 -12.39 1.98
C PHE A 45 -0.82 -12.61 2.45
N PHE A 46 -1.60 -13.34 1.66
CA PHE A 46 -3.02 -13.59 1.89
C PHE A 46 -3.26 -14.96 2.45
N THR A 47 -4.22 -15.05 3.35
CA THR A 47 -4.63 -16.30 3.97
C THR A 47 -6.15 -16.30 4.00
N GLY A 48 -6.78 -17.36 3.54
CA GLY A 48 -8.22 -17.40 3.54
C GLY A 48 -8.72 -18.01 4.83
N LEU A 49 -9.28 -17.21 5.72
CA LEU A 49 -9.66 -17.72 7.05
C LEU A 49 -10.99 -18.48 7.04
N ILE A 50 -12.01 -17.85 6.47
CA ILE A 50 -13.36 -18.36 6.56
C ILE A 50 -14.07 -18.25 5.22
N GLY A 51 -14.75 -19.31 4.84
CA GLY A 51 -15.56 -19.32 3.64
C GLY A 51 -16.97 -19.68 4.05
N ASP A 52 -17.89 -19.71 3.10
CA ASP A 52 -19.21 -20.23 3.40
C ASP A 52 -19.77 -19.67 4.73
N THR A 53 -19.54 -18.37 4.97
CA THR A 53 -20.02 -17.66 6.19
C THR A 53 -19.28 -17.99 7.47
N ASN A 54 -19.27 -19.26 7.88
CA ASN A 54 -18.62 -19.61 9.13
C ASN A 54 -17.75 -20.84 9.04
N ASN A 55 -17.34 -21.19 7.84
CA ASN A 55 -16.49 -22.35 7.66
C ASN A 55 -14.99 -22.01 7.69
N ARG A 56 -14.30 -22.48 8.71
CA ARG A 56 -12.86 -22.21 8.90
C ARG A 56 -12.07 -23.08 7.94
N ALA A 57 -11.08 -22.49 7.29
CA ALA A 57 -10.25 -23.21 6.34
C ALA A 57 -9.21 -24.02 7.12
N PRO A 58 -8.74 -25.16 6.56
CA PRO A 58 -8.10 -26.12 7.45
C PRO A 58 -6.84 -25.54 8.06
N GLY A 59 -6.59 -25.90 9.32
CA GLY A 59 -5.38 -25.46 10.01
C GLY A 59 -5.57 -24.13 10.72
N VAL A 60 -6.53 -23.32 10.24
CA VAL A 60 -6.77 -21.99 10.81
C VAL A 60 -7.15 -22.10 12.29
N PRO A 61 -6.51 -21.31 13.16
CA PRO A 61 -6.87 -21.39 14.58
C PRO A 61 -8.35 -21.16 14.90
N ALA A 62 -8.82 -21.88 15.93
CA ALA A 62 -10.18 -21.76 16.53
C ALA A 62 -10.53 -20.34 16.89
N ARG A 63 -9.54 -19.61 17.40
CA ARG A 63 -9.57 -18.16 17.61
C ARG A 63 -10.49 -17.38 16.70
N PHE A 64 -10.48 -17.78 15.42
CA PHE A 64 -11.23 -17.13 14.37
C PHE A 64 -12.54 -17.85 14.15
N SER A 65 -13.65 -17.10 14.18
CA SER A 65 -14.99 -17.63 13.99
C SER A 65 -15.76 -16.66 13.10
N GLY A 66 -16.29 -17.18 12.01
CA GLY A 66 -17.22 -16.45 11.16
C GLY A 66 -18.61 -16.58 11.75
N SER A 67 -19.42 -15.57 11.52
CA SER A 67 -20.67 -15.42 12.22
C SER A 67 -21.50 -14.39 11.49
N LEU A 68 -22.81 -14.51 11.61
CA LEU A 68 -23.69 -13.46 11.23
C LEU A 68 -24.16 -12.81 12.51
N ILE A 69 -23.93 -11.52 12.64
CA ILE A 69 -24.48 -10.76 13.75
C ILE A 69 -25.43 -9.72 13.16
N GLY A 70 -26.69 -9.81 13.54
CA GLY A 70 -27.70 -8.93 13.00
C GLY A 70 -27.76 -9.02 11.49
N HIS A 71 -27.51 -7.88 10.84
CA HIS A 71 -27.74 -7.68 9.40
C HIS A 71 -26.42 -7.64 8.62
N LYS A 72 -25.35 -8.07 9.31
CA LYS A 72 -23.99 -7.91 8.86
C LYS A 72 -23.27 -9.22 9.08
N ALA A 73 -22.29 -9.50 8.21
CA ALA A 73 -21.38 -10.61 8.39
C ALA A 73 -20.40 -10.20 9.46
N ALA A 74 -19.72 -11.17 10.09
CA ALA A 74 -18.78 -10.87 11.17
C ALA A 74 -17.67 -11.91 11.33
N LEU A 75 -16.46 -11.41 11.53
CA LEU A 75 -15.34 -12.23 11.89
C LEU A 75 -15.00 -11.87 13.31
N THR A 76 -14.81 -12.88 14.14
CA THR A 76 -14.53 -12.69 15.55
C THR A 76 -13.25 -13.40 15.87
N ILE A 77 -12.38 -12.72 16.64
CA ILE A 77 -11.14 -13.32 17.13
C ILE A 77 -11.21 -13.44 18.66
N THR A 78 -11.19 -14.67 19.17
CA THR A 78 -11.39 -14.88 20.59
C THR A 78 -10.10 -15.26 21.24
N GLY A 79 -9.41 -14.27 21.77
CA GLY A 79 -8.09 -14.47 22.35
C GLY A 79 -7.17 -13.99 21.27
N ALA A 80 -7.30 -12.70 20.96
CA ALA A 80 -6.57 -12.10 19.85
C ALA A 80 -5.10 -12.16 20.14
N GLN A 81 -4.32 -12.55 19.13
CA GLN A 81 -2.87 -12.62 19.28
C GLN A 81 -2.11 -11.56 18.51
N THR A 82 -0.86 -11.29 18.91
CA THR A 82 -0.13 -10.16 18.36
C THR A 82 0.10 -10.39 16.86
N GLU A 83 0.16 -11.65 16.45
CA GLU A 83 0.35 -12.00 15.04
C GLU A 83 -0.89 -11.74 14.21
N ASP A 84 -1.96 -11.26 14.83
CA ASP A 84 -3.17 -10.98 14.10
C ASP A 84 -3.28 -9.60 13.55
N GLU A 85 -2.37 -8.72 13.95
CA GLU A 85 -2.23 -7.42 13.30
C GLU A 85 -2.12 -7.62 11.77
N SER A 86 -3.03 -7.01 11.01
CA SER A 86 -3.25 -7.32 9.61
C SER A 86 -4.36 -6.44 9.07
N VAL A 87 -4.49 -6.43 7.75
CA VAL A 87 -5.73 -5.99 7.15
C VAL A 87 -6.60 -7.23 6.97
N TYR A 88 -7.86 -7.15 7.34
CA TYR A 88 -8.79 -8.25 7.08
C TYR A 88 -9.82 -7.75 6.09
N PHE A 89 -10.06 -8.60 5.09
CA PHE A 89 -11.02 -8.32 4.05
C PHE A 89 -12.09 -9.38 4.04
N CYS A 90 -13.34 -8.95 4.06
CA CYS A 90 -14.45 -9.86 3.84
C CYS A 90 -14.76 -9.74 2.35
N ALA A 91 -15.39 -10.79 1.83
CA ALA A 91 -15.86 -10.81 0.46
C ALA A 91 -17.23 -11.49 0.51
N LEU A 92 -18.16 -10.97 -0.27
CA LEU A 92 -19.51 -11.49 -0.31
C LEU A 92 -19.80 -11.81 -1.75
N TRP A 93 -20.62 -12.83 -1.98
CA TRP A 93 -21.00 -13.26 -3.33
C TRP A 93 -22.41 -12.83 -3.66
N TYR A 94 -22.63 -12.42 -4.89
CA TYR A 94 -23.89 -11.81 -5.31
C TYR A 94 -24.23 -12.21 -6.70
N SER A 95 -25.14 -13.17 -6.86
CA SER A 95 -25.66 -13.45 -8.17
C SER A 95 -24.51 -13.50 -9.19
N ASN A 96 -23.52 -14.34 -8.90
CA ASN A 96 -22.36 -14.68 -9.78
C ASN A 96 -21.08 -13.89 -9.55
N HIS A 97 -21.14 -12.83 -8.78
CA HIS A 97 -19.99 -11.96 -8.65
C HIS A 97 -19.60 -11.86 -7.17
N TRP A 98 -18.34 -11.50 -6.91
CA TRP A 98 -17.85 -11.19 -5.55
C TRP A 98 -17.57 -9.71 -5.46
N VAL A 99 -17.73 -9.17 -4.26
CA VAL A 99 -17.35 -7.80 -3.97
C VAL A 99 -16.58 -7.82 -2.67
N PHE A 100 -15.49 -7.06 -2.60
CA PHE A 100 -14.64 -7.02 -1.39
C PHE A 100 -14.98 -5.80 -0.59
N GLY A 101 -14.98 -5.95 0.72
CA GLY A 101 -15.06 -4.79 1.60
C GLY A 101 -13.77 -4.05 1.48
N GLY A 102 -13.70 -2.82 1.95
CA GLY A 102 -12.50 -2.00 1.82
C GLY A 102 -11.42 -2.41 2.79
N GLY A 103 -11.79 -3.23 3.77
CA GLY A 103 -10.83 -3.84 4.67
C GLY A 103 -10.69 -3.10 5.97
N THR A 104 -10.63 -3.87 7.06
CA THR A 104 -10.37 -3.33 8.40
C THR A 104 -8.90 -3.53 8.69
N LYS A 105 -8.27 -2.52 9.28
CA LYS A 105 -6.88 -2.65 9.76
C LYS A 105 -6.91 -2.98 11.21
N LEU A 106 -6.39 -4.12 11.59
CA LEU A 106 -6.47 -4.55 12.97
C LEU A 106 -5.14 -4.33 13.67
N THR A 107 -5.17 -3.73 14.85
CA THR A 107 -3.97 -3.58 15.65
C THR A 107 -4.12 -4.39 16.94
N VAL A 108 -3.31 -5.42 17.11
CA VAL A 108 -3.28 -6.11 18.36
C VAL A 108 -2.04 -5.58 19.07
N LEU A 109 -2.26 -4.84 20.16
CA LEU A 109 -1.22 -3.97 20.73
C LEU A 109 -0.03 -4.77 21.21
N GLY A 110 1.02 -4.77 20.40
CA GLY A 110 2.25 -5.41 20.78
C GLY A 110 3.15 -4.62 21.71
N GLN A 111 2.85 -3.35 21.96
CA GLN A 111 3.78 -2.46 22.68
C GLN A 111 3.03 -1.19 22.98
N PRO A 112 3.54 -0.35 23.89
CA PRO A 112 2.74 0.83 24.17
C PRO A 112 2.51 1.69 22.92
N LYS A 113 1.40 2.43 22.94
CA LYS A 113 1.03 3.27 21.82
C LYS A 113 2.15 4.26 21.62
N SER A 114 2.30 4.79 20.43
CA SER A 114 3.41 5.71 20.17
C SER A 114 3.12 6.76 19.12
N SER A 115 3.32 8.03 19.50
CA SER A 115 2.98 9.15 18.64
C SER A 115 4.07 9.40 17.63
N PRO A 116 3.66 9.79 16.41
CA PRO A 116 4.65 9.89 15.35
C PRO A 116 5.62 11.00 15.63
N SER A 117 6.84 10.80 15.19
CA SER A 117 7.77 11.88 15.06
C SER A 117 7.53 12.47 13.70
N VAL A 118 7.07 13.71 13.67
CA VAL A 118 6.83 14.41 12.43
C VAL A 118 7.96 15.39 12.20
N THR A 119 8.30 15.54 10.93
CA THR A 119 9.33 16.46 10.50
C THR A 119 8.91 16.96 9.14
N LEU A 120 8.98 18.28 9.03
CA LEU A 120 8.56 18.98 7.87
C LEU A 120 9.75 19.70 7.35
N PHE A 121 10.24 19.28 6.19
CA PHE A 121 11.34 19.98 5.53
C PHE A 121 10.78 20.89 4.46
N PRO A 122 11.39 22.05 4.30
CA PRO A 122 11.05 22.95 3.19
C PRO A 122 11.78 22.58 1.90
N PRO A 123 11.47 23.30 0.81
CA PRO A 123 12.12 22.94 -0.45
C PRO A 123 13.55 23.39 -0.40
N SER A 124 14.44 22.72 -1.10
CA SER A 124 15.82 23.17 -1.16
C SER A 124 15.92 24.25 -2.19
N SER A 125 16.89 25.14 -2.04
CA SER A 125 17.03 26.14 -3.06
C SER A 125 17.42 25.50 -4.38
N GLU A 126 17.91 24.26 -4.36
CA GLU A 126 18.22 23.61 -5.63
C GLU A 126 16.95 23.26 -6.39
N GLU A 127 15.98 22.68 -5.70
CA GLU A 127 14.73 22.38 -6.36
C GLU A 127 14.11 23.68 -6.80
N LEU A 128 14.18 24.66 -5.89
CA LEU A 128 13.59 25.95 -6.14
C LEU A 128 14.13 26.54 -7.41
N GLU A 129 15.44 26.41 -7.62
CA GLU A 129 16.06 26.87 -8.85
C GLU A 129 15.45 26.22 -10.08
N THR A 130 14.79 25.07 -9.93
CA THR A 130 14.07 24.49 -11.07
C THR A 130 12.58 24.84 -11.04
N ASN A 131 12.23 25.90 -10.32
CA ASN A 131 10.88 26.40 -10.29
C ASN A 131 9.92 25.47 -9.62
N LYS A 132 10.44 24.60 -8.75
CA LYS A 132 9.60 23.65 -8.04
C LYS A 132 9.80 23.77 -6.54
N ALA A 133 8.83 23.31 -5.80
CA ALA A 133 8.90 23.36 -4.36
C ALA A 133 8.17 22.16 -3.84
N THR A 134 8.96 21.24 -3.27
CA THR A 134 8.42 20.09 -2.59
C THR A 134 8.67 20.19 -1.10
N LEU A 135 7.59 20.09 -0.36
CA LEU A 135 7.70 19.96 1.08
C LEU A 135 7.54 18.50 1.39
N VAL A 136 8.40 18.03 2.27
CA VAL A 136 8.43 16.63 2.64
C VAL A 136 8.13 16.56 4.12
N CYS A 137 7.16 15.74 4.45
CA CYS A 137 6.74 15.51 5.82
C CYS A 137 7.06 14.07 6.16
N THR A 138 7.98 13.86 7.09
CA THR A 138 8.33 12.51 7.47
C THR A 138 7.67 12.21 8.79
N ILE A 139 7.10 11.03 8.84
CA ILE A 139 6.34 10.58 9.98
C ILE A 139 6.91 9.22 10.39
N THR A 140 7.47 9.12 11.58
CA THR A 140 8.02 7.84 12.03
C THR A 140 7.52 7.44 13.42
N ASP A 141 7.82 6.21 13.79
CA ASP A 141 7.71 5.75 15.18
C ASP A 141 6.32 5.90 15.73
N PHE A 142 5.33 5.49 14.92
CA PHE A 142 3.98 5.47 15.44
C PHE A 142 3.39 4.08 15.53
N TYR A 143 2.52 3.97 16.53
CA TYR A 143 1.84 2.74 16.81
C TYR A 143 0.58 3.15 17.55
N PRO A 144 -0.60 2.70 17.10
CA PRO A 144 -0.86 1.83 15.96
C PRO A 144 -0.46 2.45 14.66
N GLY A 145 -0.34 1.62 13.62
CA GLY A 145 0.17 2.04 12.31
C GLY A 145 -0.88 2.61 11.39
N VAL A 146 -1.59 3.63 11.89
CA VAL A 146 -2.77 4.20 11.22
C VAL A 146 -2.74 5.71 11.42
N VAL A 147 -2.61 6.47 10.35
CA VAL A 147 -2.61 7.92 10.42
C VAL A 147 -3.32 8.48 9.24
N THR A 148 -3.65 9.76 9.31
CA THR A 148 -4.13 10.47 8.14
C THR A 148 -3.41 11.77 8.17
N VAL A 149 -3.00 12.22 6.98
CA VAL A 149 -2.20 13.43 6.82
C VAL A 149 -2.99 14.53 6.13
N ASP A 150 -2.79 15.74 6.58
CA ASP A 150 -3.46 16.88 6.05
C ASP A 150 -2.42 17.96 5.98
N TRP A 151 -2.62 18.86 5.03
CA TRP A 151 -1.73 19.98 4.84
C TRP A 151 -2.55 21.25 4.81
N LYS A 152 -1.95 22.32 5.32
CA LYS A 152 -2.60 23.60 5.32
C LYS A 152 -1.59 24.62 4.82
N VAL A 153 -2.12 25.66 4.19
CA VAL A 153 -1.31 26.74 3.75
C VAL A 153 -2.05 27.98 4.19
N ASP A 154 -1.29 28.92 4.77
CA ASP A 154 -1.84 30.18 5.25
C ASP A 154 -3.22 29.95 5.82
N GLY A 155 -3.37 28.93 6.65
CA GLY A 155 -4.63 28.67 7.30
C GLY A 155 -5.44 27.63 6.56
N THR A 156 -5.70 27.86 5.29
CA THR A 156 -6.66 27.01 4.60
C THR A 156 -6.06 25.66 4.20
N PRO A 157 -6.91 24.61 4.13
CA PRO A 157 -6.45 23.26 3.81
C PRO A 157 -6.21 23.07 2.34
N VAL A 158 -5.48 22.01 2.01
CA VAL A 158 -5.07 21.70 0.65
C VAL A 158 -5.80 20.44 0.13
N THR A 159 -6.21 20.44 -1.14
CA THR A 159 -6.56 19.18 -1.83
C THR A 159 -5.99 19.15 -3.23
N GLN A 160 -4.72 19.50 -3.37
CA GLN A 160 -4.11 19.56 -4.68
C GLN A 160 -2.61 19.39 -4.49
N GLY A 161 -2.06 18.39 -5.15
CA GLY A 161 -0.63 18.14 -5.12
C GLY A 161 -0.17 17.46 -3.86
N MET A 162 -1.06 16.71 -3.19
CA MET A 162 -0.71 15.93 -1.98
C MET A 162 -0.52 14.45 -2.30
N GLU A 163 0.47 13.82 -1.67
CA GLU A 163 0.71 12.36 -1.76
C GLU A 163 1.27 11.82 -0.46
N THR A 164 0.72 10.72 0.01
CA THR A 164 1.23 10.10 1.20
C THR A 164 1.45 8.62 0.97
N THR A 165 2.66 8.14 1.25
CA THR A 165 2.96 6.72 1.18
C THR A 165 2.19 5.98 2.28
N GLN A 166 1.82 4.74 2.04
CA GLN A 166 1.09 3.93 3.02
C GLN A 166 2.02 3.62 4.15
N PRO A 167 1.54 3.68 5.39
CA PRO A 167 2.42 3.42 6.54
C PRO A 167 3.08 2.05 6.44
N SER A 168 4.42 2.01 6.54
CA SER A 168 5.15 0.76 6.52
C SER A 168 5.87 0.53 7.83
N LYS A 169 6.19 -0.74 8.08
CA LYS A 169 6.70 -1.15 9.35
C LYS A 169 8.18 -0.81 9.45
N GLN A 170 8.56 -0.06 10.49
CA GLN A 170 9.94 0.05 10.93
C GLN A 170 10.38 -1.24 11.57
N SER A 171 11.68 -1.38 11.73
CA SER A 171 12.22 -2.59 12.27
C SER A 171 11.98 -2.72 13.76
N ASN A 172 11.51 -1.69 14.46
CA ASN A 172 11.11 -1.86 15.87
C ASN A 172 9.62 -2.14 16.03
N ASN A 173 8.96 -2.42 14.92
CA ASN A 173 7.56 -2.78 14.90
C ASN A 173 6.67 -1.61 15.07
N LYS A 174 7.24 -0.41 14.99
CA LYS A 174 6.45 0.79 14.88
C LYS A 174 6.33 1.03 13.40
N TYR A 175 5.73 2.13 13.02
CA TYR A 175 5.52 2.40 11.62
C TYR A 175 6.04 3.73 11.20
N MET A 176 6.18 3.87 9.89
CA MET A 176 6.69 5.10 9.33
C MET A 176 5.90 5.44 8.10
N ALA A 177 6.09 6.63 7.57
CA ALA A 177 5.42 7.03 6.37
C ALA A 177 5.88 8.43 6.00
N SER A 178 5.60 8.83 4.78
CA SER A 178 6.02 10.13 4.31
C SER A 178 4.88 10.74 3.53
N SER A 179 4.89 12.07 3.43
CA SER A 179 3.83 12.76 2.74
C SER A 179 4.41 13.97 2.05
N TYR A 180 3.95 14.24 0.84
CA TYR A 180 4.59 15.24 0.00
C TYR A 180 3.64 16.32 -0.46
N LEU A 181 4.14 17.54 -0.56
CA LEU A 181 3.37 18.61 -1.14
C LEU A 181 4.19 19.26 -2.24
N THR A 182 3.78 18.99 -3.48
CA THR A 182 4.48 19.49 -4.65
C THR A 182 3.78 20.72 -5.14
N LEU A 183 4.50 21.84 -5.18
CA LEU A 183 3.95 23.01 -5.85
C LEU A 183 4.96 23.69 -6.76
N THR A 184 4.48 24.68 -7.50
CA THR A 184 5.35 25.57 -8.25
C THR A 184 6.22 26.32 -7.24
N ALA A 185 7.34 26.87 -7.68
CA ALA A 185 8.06 27.87 -6.90
C ALA A 185 7.22 29.13 -6.77
N GLY A 186 6.64 29.59 -7.89
CA GLY A 186 5.74 30.75 -7.88
C GLY A 186 4.84 30.65 -6.66
N ALA A 187 4.10 29.55 -6.56
CA ALA A 187 3.09 29.38 -5.52
C ALA A 187 3.69 29.40 -4.12
N TRP A 188 4.86 28.81 -3.96
CA TRP A 188 5.53 28.74 -2.66
C TRP A 188 5.92 30.09 -2.11
N GLU A 189 6.28 31.00 -3.01
CA GLU A 189 6.69 32.33 -2.63
C GLU A 189 5.50 33.27 -2.50
N ARG A 190 4.30 32.78 -2.82
CA ARG A 190 3.07 33.55 -2.71
C ARG A 190 2.41 33.33 -1.36
N HIS A 191 2.85 32.31 -0.63
CA HIS A 191 2.27 31.98 0.67
C HIS A 191 3.34 31.97 1.75
N SER A 192 2.89 31.96 3.00
CA SER A 192 3.75 32.26 4.13
C SER A 192 3.97 31.04 5.04
N SER A 193 2.88 30.45 5.53
CA SER A 193 2.98 29.33 6.46
C SER A 193 2.40 28.06 5.85
N TYR A 194 3.14 26.98 6.04
CA TYR A 194 2.84 25.66 5.47
C TYR A 194 2.88 24.67 6.60
N SER A 195 1.95 23.74 6.60
CA SER A 195 1.70 22.95 7.78
C SER A 195 1.44 21.51 7.43
N CYS A 196 1.97 20.61 8.23
CA CYS A 196 1.74 19.22 7.98
C CYS A 196 1.12 18.62 9.22
N GLN A 197 -0.09 18.07 9.12
CA GLN A 197 -0.71 17.50 10.33
C GLN A 197 -1.15 16.07 10.17
N VAL A 198 -0.56 15.22 11.01
CA VAL A 198 -0.86 13.82 11.09
C VAL A 198 -1.85 13.64 12.24
N THR A 199 -3.03 13.09 11.98
CA THR A 199 -3.89 12.62 13.04
C THR A 199 -3.51 11.19 13.39
N HIS A 200 -3.61 10.89 14.67
CA HIS A 200 -3.27 9.60 15.22
C HIS A 200 -4.00 9.45 16.55
N GLU A 201 -4.73 8.35 16.71
CA GLU A 201 -5.43 8.06 17.96
C GLU A 201 -6.11 9.28 18.55
N GLY A 202 -6.90 9.96 17.73
CA GLY A 202 -7.79 10.99 18.25
C GLY A 202 -7.02 12.16 18.81
N HIS A 203 -5.97 12.52 18.11
CA HIS A 203 -5.26 13.74 18.41
C HIS A 203 -4.34 13.99 17.21
N THR A 204 -3.72 15.15 17.19
CA THR A 204 -3.08 15.61 16.00
C THR A 204 -1.73 16.20 16.26
N VAL A 205 -0.76 15.72 15.52
CA VAL A 205 0.59 16.28 15.53
C VAL A 205 0.76 17.15 14.27
N GLU A 206 1.32 18.33 14.49
CA GLU A 206 1.43 19.31 13.45
C GLU A 206 2.78 20.02 13.45
N LYS A 207 3.54 19.81 12.40
CA LYS A 207 4.69 20.63 12.16
C LYS A 207 4.31 21.66 11.08
N SER A 208 4.81 22.88 11.25
CA SER A 208 4.69 23.87 10.21
C SER A 208 5.91 24.75 10.22
N LEU A 209 6.15 25.40 9.08
CA LEU A 209 7.25 26.32 8.90
C LEU A 209 6.71 27.56 8.22
N SER A 210 7.27 28.72 8.59
CA SER A 210 6.97 30.02 7.93
C SER A 210 8.07 30.40 6.94
N ARG A 211 7.69 31.00 5.81
CA ARG A 211 8.63 31.17 4.70
C ARG A 211 9.63 32.28 4.96
N ALA A 212 10.91 31.94 4.77
CA ALA A 212 12.04 32.86 4.95
C ALA A 212 12.41 33.45 3.58
N GLN B 1 3.72 -26.80 -2.31
CA GLN B 1 2.93 -27.70 -3.19
C GLN B 1 1.91 -26.99 -4.07
N VAL B 2 0.77 -26.54 -3.53
CA VAL B 2 -0.15 -25.67 -4.31
C VAL B 2 0.52 -24.34 -4.54
N GLN B 3 0.62 -23.93 -5.79
CA GLN B 3 1.48 -22.80 -6.13
C GLN B 3 0.97 -22.03 -7.33
N LEU B 4 1.03 -20.70 -7.20
CA LEU B 4 0.59 -19.76 -8.21
C LEU B 4 1.73 -18.82 -8.61
N GLN B 5 2.18 -18.94 -9.85
CA GLN B 5 3.37 -18.22 -10.24
C GLN B 5 3.13 -17.09 -11.21
N GLN B 6 3.18 -15.88 -10.69
CA GLN B 6 3.04 -14.72 -11.52
C GLN B 6 4.35 -14.01 -11.62
N SER B 7 4.64 -13.55 -12.82
CA SER B 7 5.80 -12.73 -13.05
C SER B 7 5.79 -11.54 -12.09
N GLY B 8 6.97 -11.20 -11.55
CA GLY B 8 7.11 -10.16 -10.54
C GLY B 8 6.50 -8.81 -10.89
N SER B 9 6.87 -8.26 -12.03
CA SER B 9 6.44 -6.91 -12.40
C SER B 9 6.39 -6.73 -13.90
N GLU B 10 5.66 -5.72 -14.36
CA GLU B 10 5.70 -5.40 -15.78
C GLU B 10 5.48 -3.95 -16.09
N LEU B 11 6.32 -3.44 -16.97
CA LEU B 11 6.29 -2.04 -17.41
C LEU B 11 5.41 -1.95 -18.65
N VAL B 12 4.33 -1.19 -18.59
CA VAL B 12 3.48 -1.04 -19.76
C VAL B 12 3.33 0.43 -20.19
N ARG B 13 3.09 0.63 -21.49
CA ARG B 13 3.00 1.97 -22.06
C ARG B 13 1.57 2.48 -22.03
N PRO B 14 1.37 3.77 -21.68
CA PRO B 14 0.05 4.39 -21.54
C PRO B 14 -0.76 4.39 -22.84
N GLY B 15 -1.57 3.35 -23.01
CA GLY B 15 -2.31 3.11 -24.25
C GLY B 15 -2.27 1.64 -24.63
N ALA B 16 -1.19 0.98 -24.27
CA ALA B 16 -0.95 -0.41 -24.64
C ALA B 16 -1.74 -1.42 -23.81
N SER B 17 -1.42 -2.70 -23.99
CA SER B 17 -2.03 -3.78 -23.24
C SER B 17 -1.00 -4.70 -22.62
N VAL B 18 -1.47 -5.67 -21.84
CA VAL B 18 -0.58 -6.62 -21.25
C VAL B 18 -1.33 -7.88 -20.91
N LYS B 19 -0.66 -9.00 -21.10
CA LYS B 19 -1.24 -10.30 -20.83
C LYS B 19 -0.50 -10.87 -19.60
N LEU B 20 -1.07 -10.60 -18.43
CA LEU B 20 -0.55 -11.17 -17.20
C LEU B 20 -0.75 -12.67 -17.18
N SER B 21 0.20 -13.39 -16.58
CA SER B 21 0.15 -14.85 -16.55
C SER B 21 0.27 -15.36 -15.12
N CYS B 22 -0.41 -16.47 -14.88
CA CYS B 22 -0.47 -17.08 -13.55
C CYS B 22 -0.43 -18.61 -13.67
N LYS B 23 0.67 -19.22 -13.25
CA LYS B 23 0.98 -20.62 -13.60
C LYS B 23 0.68 -21.54 -12.41
N ALA B 24 -0.28 -22.46 -12.57
CA ALA B 24 -0.72 -23.36 -11.48
C ALA B 24 0.10 -24.67 -11.37
N SER B 25 0.27 -25.11 -10.14
CA SER B 25 1.04 -26.30 -9.84
C SER B 25 0.59 -26.79 -8.47
N GLY B 26 0.76 -28.07 -8.21
CA GLY B 26 0.36 -28.66 -6.92
C GLY B 26 -1.05 -29.18 -6.84
N TYR B 27 -1.86 -28.95 -7.86
CA TYR B 27 -3.16 -29.54 -7.86
C TYR B 27 -3.62 -29.57 -9.29
N THR B 28 -4.90 -29.86 -9.51
CA THR B 28 -5.46 -29.94 -10.85
C THR B 28 -6.08 -28.63 -11.26
N PHE B 29 -5.33 -27.92 -12.08
CA PHE B 29 -5.71 -26.65 -12.63
C PHE B 29 -7.18 -26.62 -13.11
N THR B 30 -7.66 -27.72 -13.69
CA THR B 30 -9.01 -27.70 -14.29
C THR B 30 -10.15 -27.86 -13.26
N THR B 31 -9.85 -27.85 -11.97
CA THR B 31 -10.86 -28.20 -10.99
C THR B 31 -11.14 -27.11 -9.96
N TYR B 32 -10.47 -25.96 -10.06
CA TYR B 32 -10.68 -24.83 -9.16
C TYR B 32 -10.83 -23.52 -9.90
N TRP B 33 -11.67 -22.64 -9.38
CA TRP B 33 -11.83 -21.36 -10.02
C TRP B 33 -10.58 -20.55 -9.78
N ILE B 34 -10.10 -19.88 -10.81
CA ILE B 34 -9.14 -18.81 -10.59
C ILE B 34 -9.90 -17.53 -10.52
N HIS B 35 -9.51 -16.67 -9.59
CA HIS B 35 -10.02 -15.28 -9.54
C HIS B 35 -8.87 -14.31 -9.73
N TRP B 36 -9.17 -13.15 -10.32
CA TRP B 36 -8.24 -12.03 -10.44
C TRP B 36 -8.69 -10.80 -9.64
N VAL B 37 -7.77 -10.30 -8.82
CA VAL B 37 -8.03 -9.21 -7.91
C VAL B 37 -7.03 -8.08 -8.11
N LYS B 38 -7.54 -6.85 -8.09
CA LYS B 38 -6.71 -5.68 -8.23
C LYS B 38 -6.54 -5.08 -6.87
N GLN B 39 -5.31 -4.68 -6.57
CA GLN B 39 -5.04 -3.88 -5.40
C GLN B 39 -4.06 -2.78 -5.72
N ARG B 40 -4.37 -1.59 -5.23
CA ARG B 40 -3.48 -0.44 -5.29
C ARG B 40 -2.87 -0.18 -3.92
N PRO B 41 -1.80 0.63 -3.91
CA PRO B 41 -1.27 1.24 -2.70
C PRO B 41 -2.32 1.55 -1.65
N GLY B 42 -2.27 0.79 -0.56
CA GLY B 42 -3.10 1.06 0.61
C GLY B 42 -4.59 1.10 0.37
N GLN B 43 -5.02 0.59 -0.78
CA GLN B 43 -6.44 0.56 -1.10
C GLN B 43 -6.97 -0.87 -1.00
N GLY B 44 -8.30 -1.00 -1.11
CA GLY B 44 -8.95 -2.29 -0.94
C GLY B 44 -8.50 -3.26 -2.00
N LEU B 45 -9.07 -4.45 -1.96
CA LEU B 45 -8.92 -5.37 -3.03
C LEU B 45 -10.09 -5.04 -3.90
N GLU B 46 -9.95 -5.21 -5.20
CA GLU B 46 -11.05 -5.01 -6.16
C GLU B 46 -11.15 -6.26 -6.98
N TRP B 47 -12.30 -6.91 -6.95
CA TRP B 47 -12.47 -8.20 -7.62
C TRP B 47 -12.78 -7.97 -9.09
N ILE B 48 -11.91 -8.48 -9.94
CA ILE B 48 -12.09 -8.27 -11.37
C ILE B 48 -13.06 -9.29 -11.92
N GLY B 49 -12.69 -10.56 -11.81
CA GLY B 49 -13.52 -11.68 -12.33
C GLY B 49 -12.94 -13.05 -11.97
N THR B 50 -13.55 -14.11 -12.50
CA THR B 50 -13.11 -15.46 -12.21
C THR B 50 -13.32 -16.35 -13.42
N ILE B 51 -12.53 -17.40 -13.51
CA ILE B 51 -12.60 -18.35 -14.63
C ILE B 51 -12.48 -19.76 -14.10
N TYR B 52 -13.32 -20.64 -14.62
CA TYR B 52 -13.22 -22.04 -14.27
C TYR B 52 -12.49 -22.69 -15.39
N PRO B 53 -11.27 -23.12 -15.11
CA PRO B 53 -10.43 -23.61 -16.19
C PRO B 53 -10.92 -24.92 -16.77
N GLY B 54 -11.87 -25.57 -16.11
CA GLY B 54 -12.40 -26.85 -16.55
C GLY B 54 -13.57 -26.66 -17.48
N SER B 55 -14.04 -25.43 -17.56
CA SER B 55 -15.32 -25.12 -18.15
C SER B 55 -15.22 -23.89 -19.03
N ASP B 56 -14.30 -22.98 -18.72
CA ASP B 56 -14.22 -21.67 -19.38
C ASP B 56 -15.38 -20.73 -19.04
N ASN B 57 -16.29 -21.15 -18.17
CA ASN B 57 -17.26 -20.24 -17.63
C ASN B 57 -16.44 -19.10 -17.01
N THR B 58 -16.78 -17.87 -17.34
CA THR B 58 -16.09 -16.74 -16.76
C THR B 58 -17.10 -15.67 -16.35
N TYR B 59 -16.91 -15.07 -15.19
CA TYR B 59 -17.73 -13.96 -14.73
C TYR B 59 -16.84 -12.76 -14.48
N TYR B 60 -17.29 -11.60 -14.93
CA TYR B 60 -16.53 -10.36 -14.81
C TYR B 60 -17.31 -9.34 -14.00
N ASP B 61 -16.59 -8.46 -13.32
CA ASP B 61 -17.20 -7.32 -12.66
C ASP B 61 -17.60 -6.30 -13.72
N GLU B 62 -18.70 -5.55 -13.49
CA GLU B 62 -19.11 -4.51 -14.45
C GLU B 62 -17.96 -3.56 -14.71
N LYS B 63 -17.34 -3.06 -13.62
CA LYS B 63 -16.16 -2.19 -13.69
C LYS B 63 -15.17 -2.62 -14.77
N PHE B 64 -14.91 -3.92 -14.84
CA PHE B 64 -13.86 -4.44 -15.73
C PHE B 64 -14.41 -5.12 -16.97
N LYS B 65 -15.68 -4.82 -17.27
CA LYS B 65 -16.39 -5.49 -18.38
C LYS B 65 -15.64 -5.29 -19.69
N ASN B 66 -15.05 -4.12 -19.92
CA ASN B 66 -14.29 -3.90 -21.13
C ASN B 66 -12.83 -3.66 -20.88
N LYS B 67 -12.30 -4.15 -19.77
CA LYS B 67 -10.89 -3.92 -19.48
C LYS B 67 -10.07 -5.22 -19.56
N ALA B 68 -10.62 -6.26 -18.96
CA ALA B 68 -9.93 -7.51 -18.77
C ALA B 68 -10.52 -8.63 -19.62
N THR B 69 -9.69 -9.59 -19.98
CA THR B 69 -10.21 -10.81 -20.56
C THR B 69 -9.51 -11.96 -19.86
N LEU B 70 -10.30 -12.86 -19.28
CA LEU B 70 -9.74 -14.05 -18.65
C LEU B 70 -9.66 -15.14 -19.71
N THR B 71 -8.60 -15.95 -19.63
CA THR B 71 -8.36 -17.04 -20.57
C THR B 71 -7.56 -18.07 -19.82
N VAL B 72 -7.54 -19.31 -20.32
CA VAL B 72 -6.66 -20.32 -19.73
C VAL B 72 -6.04 -21.15 -20.82
N ASP B 73 -4.87 -21.69 -20.52
CA ASP B 73 -4.32 -22.80 -21.30
C ASP B 73 -4.11 -23.94 -20.35
N THR B 74 -4.96 -24.94 -20.51
CA THR B 74 -5.01 -26.05 -19.60
C THR B 74 -3.85 -26.98 -19.78
N SER B 75 -3.24 -26.96 -20.96
CA SER B 75 -2.08 -27.81 -21.21
C SER B 75 -0.80 -27.26 -20.60
N SER B 76 -0.81 -25.99 -20.20
CA SER B 76 0.31 -25.42 -19.44
C SER B 76 -0.13 -24.89 -18.09
N SER B 77 -1.33 -25.25 -17.68
CA SER B 77 -1.88 -24.85 -16.39
C SER B 77 -1.64 -23.39 -16.13
N THR B 78 -2.03 -22.54 -17.08
CA THR B 78 -1.88 -21.09 -16.90
C THR B 78 -3.19 -20.38 -17.14
N ALA B 79 -3.58 -19.51 -16.22
CA ALA B 79 -4.71 -18.60 -16.42
C ALA B 79 -4.11 -17.29 -16.85
N PHE B 80 -4.71 -16.65 -17.83
CA PHE B 80 -4.22 -15.37 -18.29
C PHE B 80 -5.27 -14.31 -18.06
N MET B 81 -4.79 -13.13 -17.70
CA MET B 81 -5.62 -11.95 -17.81
C MET B 81 -5.02 -10.97 -18.79
N GLN B 82 -5.87 -10.48 -19.70
CA GLN B 82 -5.51 -9.51 -20.72
C GLN B 82 -6.10 -8.16 -20.34
N LEU B 83 -5.24 -7.17 -20.09
CA LEU B 83 -5.73 -5.85 -19.76
C LEU B 83 -5.58 -4.93 -20.96
N SER B 84 -6.65 -4.21 -21.30
CA SER B 84 -6.67 -3.45 -22.55
C SER B 84 -6.66 -1.94 -22.32
N SER B 85 -5.88 -1.23 -23.14
CA SER B 85 -5.88 0.25 -23.16
C SER B 85 -5.59 0.86 -21.80
N LEU B 86 -4.32 0.84 -21.42
CA LEU B 86 -3.94 1.12 -20.06
C LEU B 86 -3.70 2.59 -19.80
N THR B 87 -3.99 2.99 -18.56
CA THR B 87 -3.75 4.33 -18.07
C THR B 87 -3.20 4.17 -16.66
N SER B 88 -2.74 5.25 -16.06
CA SER B 88 -2.15 5.19 -14.71
C SER B 88 -3.14 4.56 -13.72
N GLU B 89 -4.42 4.85 -13.91
CA GLU B 89 -5.51 4.18 -13.17
C GLU B 89 -5.29 2.69 -12.97
N ASP B 90 -4.74 2.04 -13.99
CA ASP B 90 -4.57 0.59 -13.98
C ASP B 90 -3.27 0.20 -13.29
N SER B 91 -2.35 1.15 -13.08
CA SER B 91 -1.14 0.83 -12.33
C SER B 91 -1.59 0.28 -11.02
N ALA B 92 -1.22 -0.95 -10.76
CA ALA B 92 -1.63 -1.66 -9.58
C ALA B 92 -0.87 -2.98 -9.45
N VAL B 93 -1.10 -3.67 -8.34
CA VAL B 93 -0.70 -5.04 -8.22
C VAL B 93 -1.91 -5.87 -8.60
N TYR B 94 -1.72 -6.93 -9.38
CA TYR B 94 -2.81 -7.84 -9.70
C TYR B 94 -2.48 -9.27 -9.24
N PHE B 95 -3.41 -9.88 -8.51
CA PHE B 95 -3.25 -11.25 -8.04
C PHE B 95 -4.22 -12.17 -8.77
N CYS B 96 -3.76 -13.37 -9.14
CA CYS B 96 -4.67 -14.51 -9.36
C CYS B 96 -4.73 -15.18 -7.99
N THR B 97 -5.81 -15.91 -7.74
CA THR B 97 -6.07 -16.53 -6.45
C THR B 97 -6.95 -17.75 -6.64
N ARG B 98 -6.82 -18.74 -5.77
CA ARG B 98 -7.55 -19.97 -6.02
C ARG B 98 -8.78 -20.07 -5.15
N GLY B 99 -9.93 -20.21 -5.82
CA GLY B 99 -11.18 -20.39 -5.15
C GLY B 99 -11.49 -21.82 -4.71
N SER B 100 -12.65 -22.29 -5.11
CA SER B 100 -13.18 -23.51 -4.57
C SER B 100 -13.43 -24.45 -5.72
N LEU B 101 -13.67 -25.71 -5.43
CA LEU B 101 -14.14 -26.62 -6.46
C LEU B 101 -15.47 -26.14 -7.03
N TYR B 102 -16.17 -25.32 -6.27
CA TYR B 102 -17.53 -24.97 -6.57
C TYR B 102 -17.69 -23.47 -6.71
N TYR B 103 -18.88 -23.04 -7.09
CA TYR B 103 -19.12 -21.66 -7.50
C TYR B 103 -18.76 -20.70 -6.38
N ASN B 104 -19.26 -20.99 -5.19
CA ASN B 104 -19.09 -20.10 -4.04
C ASN B 104 -19.11 -20.81 -2.69
N ASN B 105 -19.27 -22.12 -2.70
CA ASN B 105 -19.86 -22.77 -1.56
C ASN B 105 -18.81 -23.33 -0.66
N TYR B 106 -18.03 -24.27 -1.17
CA TYR B 106 -17.33 -25.16 -0.29
C TYR B 106 -15.86 -24.86 -0.36
N GLY B 107 -15.45 -23.61 -0.24
CA GLY B 107 -14.03 -23.33 -0.40
C GLY B 107 -13.58 -21.99 0.10
N TRP B 108 -12.38 -21.61 -0.32
CA TRP B 108 -11.78 -20.40 0.16
C TRP B 108 -11.03 -19.69 -0.95
N PHE B 109 -10.65 -18.44 -0.72
CA PHE B 109 -9.54 -17.85 -1.47
C PHE B 109 -8.35 -18.22 -0.67
N GLY B 110 -7.97 -19.48 -0.81
CA GLY B 110 -7.07 -20.13 0.10
C GLY B 110 -5.63 -20.00 -0.30
N TYR B 111 -5.38 -19.60 -1.55
CA TYR B 111 -4.03 -19.51 -2.12
C TYR B 111 -3.94 -18.39 -3.14
N TRP B 112 -2.85 -17.64 -3.10
CA TRP B 112 -2.72 -16.47 -3.94
C TRP B 112 -1.35 -16.41 -4.57
N GLY B 113 -1.30 -15.98 -5.83
CA GLY B 113 -0.02 -15.72 -6.48
C GLY B 113 0.69 -14.55 -5.81
N GLN B 114 1.96 -14.33 -6.14
CA GLN B 114 2.74 -13.27 -5.48
C GLN B 114 2.20 -11.89 -5.86
N GLY B 115 1.46 -11.82 -6.97
CA GLY B 115 1.00 -10.55 -7.53
C GLY B 115 1.94 -10.03 -8.61
N THR B 116 1.39 -9.26 -9.55
CA THR B 116 2.24 -8.58 -10.52
C THR B 116 2.05 -7.07 -10.49
N LEU B 117 3.13 -6.37 -10.15
CA LEU B 117 3.06 -4.93 -10.06
C LEU B 117 3.10 -4.51 -11.51
N VAL B 118 1.94 -4.12 -12.03
CA VAL B 118 1.88 -3.54 -13.37
C VAL B 118 2.10 -2.02 -13.21
N THR B 119 3.01 -1.46 -13.99
CA THR B 119 3.31 -0.03 -13.91
C THR B 119 3.11 0.61 -15.27
N VAL B 120 2.15 1.52 -15.33
CA VAL B 120 1.87 2.21 -16.56
C VAL B 120 2.74 3.47 -16.52
N SER B 121 3.51 3.70 -17.57
CA SER B 121 4.44 4.80 -17.62
C SER B 121 4.96 4.90 -19.04
N ALA B 122 5.18 6.13 -19.49
CA ALA B 122 5.77 6.41 -20.79
C ALA B 122 7.25 6.75 -20.64
N ALA B 123 7.79 6.66 -19.43
CA ALA B 123 9.15 7.11 -19.17
C ALA B 123 10.22 6.18 -19.71
N LYS B 124 11.36 6.76 -20.06
CA LYS B 124 12.57 5.98 -20.33
C LYS B 124 13.46 5.99 -19.09
N THR B 125 14.45 5.10 -19.06
CA THR B 125 15.34 5.05 -17.92
C THR B 125 15.84 6.46 -17.68
N THR B 126 15.40 7.02 -16.57
CA THR B 126 15.74 8.38 -16.19
C THR B 126 16.46 8.39 -14.84
N PRO B 127 17.69 8.96 -14.82
CA PRO B 127 18.37 9.05 -13.54
C PRO B 127 17.74 10.10 -12.66
N PRO B 128 17.99 9.98 -11.35
CA PRO B 128 17.34 10.77 -10.31
C PRO B 128 17.94 12.13 -10.16
N SER B 129 17.14 13.04 -9.59
CA SER B 129 17.64 14.32 -9.13
C SER B 129 17.51 14.23 -7.64
N VAL B 130 18.57 14.62 -6.97
CA VAL B 130 18.67 14.45 -5.56
C VAL B 130 18.74 15.79 -4.90
N TYR B 131 17.90 16.05 -3.91
CA TYR B 131 17.95 17.35 -3.26
C TYR B 131 18.17 17.21 -1.78
N PRO B 132 19.06 18.04 -1.22
CA PRO B 132 19.24 18.07 0.23
C PRO B 132 18.05 18.69 0.93
N LEU B 133 17.67 18.09 2.07
CA LEU B 133 16.64 18.63 2.95
C LEU B 133 17.26 18.96 4.29
N ALA B 134 17.52 20.23 4.49
CA ALA B 134 17.96 20.73 5.76
C ALA B 134 16.71 21.25 6.40
N PRO B 135 16.71 21.39 7.73
CA PRO B 135 15.63 21.99 8.50
C PRO B 135 15.47 23.50 8.33
N GLY B 136 14.30 24.01 8.73
CA GLY B 136 14.15 25.46 9.02
C GLY B 136 14.01 25.64 10.54
N SER B 137 15.12 25.95 11.22
CA SER B 137 15.12 26.27 12.68
C SER B 137 15.73 27.66 12.90
N SER B 143 18.25 19.50 20.91
CA SER B 143 18.23 18.10 21.34
C SER B 143 18.86 17.21 20.23
N MET B 144 18.09 16.92 19.18
CA MET B 144 18.65 16.21 18.04
C MET B 144 18.04 16.73 16.74
N VAL B 145 18.62 16.36 15.60
CA VAL B 145 18.29 17.03 14.33
C VAL B 145 18.19 16.04 13.17
N THR B 146 17.14 16.21 12.36
CA THR B 146 16.76 15.25 11.35
C THR B 146 16.99 15.80 9.97
N LEU B 147 18.01 15.36 9.30
CA LEU B 147 18.28 15.80 7.94
C LEU B 147 17.70 14.78 6.97
N GLY B 148 17.56 15.17 5.71
CA GLY B 148 17.18 14.21 4.71
C GLY B 148 17.51 14.57 3.30
N CYS B 149 17.29 13.63 2.40
CA CYS B 149 17.34 14.02 1.02
C CYS B 149 16.28 13.39 0.15
N LEU B 150 15.87 14.20 -0.82
CA LEU B 150 14.77 13.91 -1.69
C LEU B 150 15.28 13.36 -3.01
N VAL B 151 14.89 12.12 -3.31
CA VAL B 151 15.24 11.53 -4.60
C VAL B 151 14.02 11.59 -5.50
N LYS B 152 14.10 12.43 -6.51
CA LYS B 152 12.94 12.84 -7.27
C LYS B 152 13.14 12.51 -8.76
N GLY B 153 12.05 12.24 -9.46
CA GLY B 153 12.07 12.11 -10.93
C GLY B 153 12.95 11.04 -11.59
N TYR B 154 13.06 9.86 -10.98
CA TYR B 154 13.82 8.76 -11.57
C TYR B 154 12.92 7.65 -12.04
N PHE B 155 13.50 6.75 -12.81
CA PHE B 155 12.79 5.62 -13.37
C PHE B 155 13.79 4.72 -14.07
N PRO B 156 13.65 3.41 -13.91
CA PRO B 156 12.71 2.72 -13.01
C PRO B 156 13.20 2.57 -11.58
N GLU B 157 12.34 1.99 -10.77
CA GLU B 157 12.69 1.52 -9.45
C GLU B 157 13.85 0.58 -9.53
N PRO B 158 14.65 0.47 -8.46
CA PRO B 158 14.70 1.27 -7.25
C PRO B 158 15.89 2.21 -7.28
N VAL B 159 16.11 2.89 -6.17
CA VAL B 159 17.40 3.53 -5.91
C VAL B 159 17.98 3.01 -4.60
N THR B 160 19.26 3.29 -4.35
CA THR B 160 19.86 3.00 -3.05
C THR B 160 20.45 4.27 -2.45
N VAL B 161 19.97 4.55 -1.25
CA VAL B 161 20.41 5.70 -0.50
C VAL B 161 21.18 5.20 0.70
N THR B 162 22.32 5.81 0.99
CA THR B 162 23.06 5.56 2.21
C THR B 162 23.52 6.92 2.70
N TRP B 163 24.01 6.96 3.91
CA TRP B 163 24.41 8.21 4.51
C TRP B 163 25.83 8.13 5.01
N ASN B 164 26.66 9.02 4.51
CA ASN B 164 28.09 8.99 4.77
C ASN B 164 28.66 7.62 4.36
N SER B 165 28.22 7.17 3.18
CA SER B 165 28.68 5.93 2.57
C SER B 165 28.43 4.77 3.47
N GLY B 166 27.31 4.80 4.19
CA GLY B 166 26.99 3.73 5.14
C GLY B 166 27.50 3.94 6.55
N SER B 167 28.26 4.99 6.77
CA SER B 167 28.85 5.27 8.07
C SER B 167 27.78 5.57 9.15
N LEU B 168 26.74 6.33 8.79
CA LEU B 168 25.59 6.50 9.66
C LEU B 168 24.56 5.53 9.21
N SER B 169 24.12 4.68 10.14
CA SER B 169 23.24 3.57 9.86
C SER B 169 21.94 3.66 10.66
N SER B 170 22.04 3.75 11.98
CA SER B 170 20.83 3.90 12.77
C SER B 170 20.39 5.35 12.73
N GLY B 171 19.08 5.53 12.77
CA GLY B 171 18.47 6.84 12.58
C GLY B 171 18.21 7.07 11.12
N VAL B 172 18.31 6.03 10.30
CA VAL B 172 18.03 6.17 8.87
C VAL B 172 16.65 5.62 8.58
N HIS B 173 15.79 6.46 8.03
CA HIS B 173 14.51 6.03 7.52
C HIS B 173 14.46 6.31 6.03
N THR B 174 14.06 5.29 5.27
CA THR B 174 13.94 5.42 3.85
C THR B 174 12.60 4.92 3.43
N PHE B 175 11.85 5.83 2.86
CA PHE B 175 10.45 5.62 2.62
C PHE B 175 10.22 5.10 1.21
N PRO B 176 9.00 4.56 1.00
CA PRO B 176 8.63 3.98 -0.25
C PRO B 176 8.56 5.02 -1.36
N ALA B 177 8.78 4.58 -2.58
CA ALA B 177 8.67 5.50 -3.68
C ALA B 177 7.20 5.87 -3.89
N VAL B 178 7.01 6.95 -4.62
CA VAL B 178 5.72 7.40 -5.04
C VAL B 178 5.82 7.56 -6.56
N LEU B 179 4.76 7.21 -7.30
CA LEU B 179 4.77 7.41 -8.76
C LEU B 179 3.95 8.65 -9.17
N GLN B 180 4.66 9.71 -9.53
CA GLN B 180 4.04 10.98 -9.89
C GLN B 180 4.46 11.34 -11.29
N SER B 181 3.48 11.62 -12.15
CA SER B 181 3.77 11.99 -13.52
C SER B 181 4.78 11.01 -14.10
N ASP B 182 4.42 9.73 -14.16
CA ASP B 182 5.28 8.71 -14.79
C ASP B 182 6.67 8.54 -14.15
N LEU B 183 6.98 9.28 -13.08
CA LEU B 183 8.33 9.20 -12.47
C LEU B 183 8.27 8.93 -10.98
N TYR B 184 9.33 8.32 -10.47
CA TYR B 184 9.37 7.92 -9.08
C TYR B 184 10.03 9.00 -8.25
N THR B 185 9.62 9.02 -6.99
CA THR B 185 10.16 9.89 -5.98
C THR B 185 10.22 9.12 -4.65
N LEU B 186 11.32 9.23 -3.94
CA LEU B 186 11.32 8.88 -2.53
C LEU B 186 12.20 9.84 -1.78
N THR B 187 12.21 9.65 -0.48
CA THR B 187 13.03 10.45 0.39
C THR B 187 13.58 9.61 1.52
N SER B 188 14.73 10.04 1.98
CA SER B 188 15.42 9.37 3.08
C SER B 188 15.71 10.42 4.11
N SER B 189 15.59 10.05 5.37
CA SER B 189 16.01 10.93 6.43
C SER B 189 16.94 10.16 7.34
N VAL B 190 17.68 10.96 8.12
CA VAL B 190 18.60 10.47 9.13
C VAL B 190 18.58 11.48 10.26
N THR B 191 18.66 10.99 11.49
CA THR B 191 18.65 11.87 12.64
C THR B 191 20.01 11.80 13.29
N VAL B 192 20.63 12.96 13.47
CA VAL B 192 21.95 13.04 14.06
C VAL B 192 21.95 14.07 15.19
N PRO B 193 22.93 13.99 16.11
CA PRO B 193 22.92 14.98 17.20
C PRO B 193 23.05 16.43 16.72
N SER B 194 22.32 17.32 17.37
CA SER B 194 22.33 18.74 17.04
C SER B 194 23.75 19.24 16.80
N SER B 195 24.64 19.10 17.79
CA SER B 195 25.98 19.70 17.71
C SER B 195 26.91 19.10 16.68
N THR B 196 26.84 17.78 16.53
CA THR B 196 27.57 17.05 15.48
C THR B 196 27.54 17.79 14.14
N TRP B 197 26.31 18.17 13.74
CA TRP B 197 26.04 18.85 12.48
C TRP B 197 25.72 20.33 12.71
N PRO B 198 26.32 21.23 11.89
CA PRO B 198 27.06 20.97 10.67
C PRO B 198 28.56 20.79 10.86
N SER B 199 29.04 20.88 12.10
CA SER B 199 30.47 20.76 12.41
C SER B 199 31.11 19.58 11.69
N GLN B 200 30.49 18.40 11.85
CA GLN B 200 30.81 17.22 11.04
C GLN B 200 29.86 17.19 9.87
N THR B 201 30.33 16.65 8.74
CA THR B 201 29.54 16.64 7.53
C THR B 201 28.60 15.42 7.52
N VAL B 202 27.45 15.59 6.89
CA VAL B 202 26.53 14.51 6.65
C VAL B 202 26.13 14.57 5.17
N THR B 203 26.19 13.42 4.50
CA THR B 203 26.04 13.37 3.05
C THR B 203 25.23 12.17 2.66
N CYS B 204 24.15 12.36 1.91
CA CYS B 204 23.52 11.18 1.38
C CYS B 204 24.23 10.84 0.10
N ASN B 205 24.41 9.53 -0.10
CA ASN B 205 24.93 8.98 -1.35
C ASN B 205 23.76 8.23 -1.92
N VAL B 206 23.25 8.73 -3.02
CA VAL B 206 22.17 8.08 -3.75
C VAL B 206 22.84 7.40 -4.94
N ALA B 207 22.29 6.27 -5.36
CA ALA B 207 22.73 5.60 -6.61
C ALA B 207 21.56 4.91 -7.32
N HIS B 208 21.56 5.03 -8.64
CA HIS B 208 20.53 4.44 -9.50
C HIS B 208 21.19 3.30 -10.33
N PRO B 209 20.92 2.05 -9.96
CA PRO B 209 21.46 0.95 -10.72
C PRO B 209 21.07 0.96 -12.22
N ALA B 210 19.78 1.19 -12.51
CA ALA B 210 19.28 1.13 -13.87
C ALA B 210 19.98 2.11 -14.83
N SER B 211 20.39 3.30 -14.35
CA SER B 211 21.14 4.27 -15.17
C SER B 211 22.61 4.31 -14.78
N SER B 212 23.02 3.49 -13.83
CA SER B 212 24.41 3.46 -13.38
C SER B 212 24.88 4.87 -13.06
N THR B 213 24.13 5.53 -12.19
CA THR B 213 24.41 6.91 -11.81
C THR B 213 24.51 7.00 -10.30
N LYS B 214 25.38 7.89 -9.83
CA LYS B 214 25.67 8.10 -8.43
C LYS B 214 25.64 9.61 -8.17
N VAL B 215 24.99 10.02 -7.09
CA VAL B 215 24.93 11.38 -6.65
C VAL B 215 25.07 11.39 -5.13
N ASP B 216 26.18 11.98 -4.69
CA ASP B 216 26.45 12.33 -3.30
C ASP B 216 25.99 13.76 -3.06
N LYS B 217 25.49 14.05 -1.86
CA LYS B 217 24.89 15.35 -1.58
C LYS B 217 25.04 15.71 -0.09
N LYS B 218 25.92 16.64 0.18
CA LYS B 218 26.20 17.11 1.53
C LYS B 218 25.07 18.00 1.95
N ILE B 219 24.55 17.82 3.16
CA ILE B 219 23.45 18.67 3.64
C ILE B 219 24.05 19.84 4.42
N VAL B 220 23.80 21.07 4.00
CA VAL B 220 24.28 22.25 4.75
C VAL B 220 23.13 23.14 5.23
N PRO B 221 23.32 23.80 6.38
CA PRO B 221 22.24 24.59 6.93
C PRO B 221 21.71 25.60 5.93
N ARG B 222 20.39 25.78 5.89
CA ARG B 222 19.78 26.71 4.97
C ARG B 222 20.12 28.12 5.38
#